data_4MXE
#
_entry.id   4MXE
#
_cell.length_a   66.333
_cell.length_b   66.333
_cell.length_c   211.201
_cell.angle_alpha   90.00
_cell.angle_beta   90.00
_cell.angle_gamma   90.00
#
_symmetry.space_group_name_H-M   'P 41 21 2'
#
loop_
_entity.id
_entity.type
_entity.pdbx_description
1 polymer 'N-acetyltransferase ESCO1'
2 non-polymer 'ACETYL COENZYME *A'
3 water water
#
_entity_poly.entity_id   1
_entity_poly.type   'polypeptide(L)'
_entity_poly.pdbx_seq_one_letter_code
;MHHHHHHSSGVDLGTENLYFQSMKKERILAEYPDGRIIMVLPEDPKYALKKVDEIREMVDNDLGFQQAPLMCYSRTKTLL
FISNDKKVVGCLIAEHIQWGYRVIEEKLPVIRSEEEKVRFERQKAWCCSTLPEPAICGISRIWVFSMMRRKKIASRMIEC
LRSNFIYGSYLSKEEIAFSDPTPDGKLFATQYCGTGQFLVYNFING
;
_entity_poly.pdbx_strand_id   A,B
#
# COMPACT_ATOMS: atom_id res chain seq x y z
N LEU A 18 -1.82 -7.45 -23.48
CA LEU A 18 -2.43 -7.71 -24.81
C LEU A 18 -3.57 -8.75 -24.69
N TYR A 19 -4.55 -8.43 -23.83
CA TYR A 19 -5.68 -9.32 -23.53
C TYR A 19 -7.00 -8.79 -24.09
N PHE A 20 -7.82 -9.69 -24.61
CA PHE A 20 -9.08 -9.35 -25.31
C PHE A 20 -10.27 -9.95 -24.57
N GLN A 21 -11.49 -9.55 -24.97
CA GLN A 21 -12.73 -10.02 -24.32
C GLN A 21 -13.90 -9.99 -25.31
N SER A 22 -14.66 -11.09 -25.41
CA SER A 22 -15.81 -11.23 -26.35
C SER A 22 -17.16 -11.51 -25.67
N MET A 23 -18.22 -10.92 -26.22
CA MET A 23 -19.53 -10.78 -25.55
C MET A 23 -20.15 -12.04 -24.91
N LYS A 24 -20.69 -12.94 -25.73
CA LYS A 24 -21.61 -14.00 -25.26
C LYS A 24 -22.86 -13.38 -24.57
N LYS A 25 -23.27 -12.20 -25.05
CA LYS A 25 -24.31 -11.35 -24.41
C LYS A 25 -23.70 -9.97 -24.14
N GLU A 26 -22.91 -9.90 -23.07
CA GLU A 26 -22.46 -8.66 -22.43
C GLU A 26 -23.60 -7.92 -21.72
N ARG A 27 -23.23 -6.91 -20.94
CA ARG A 27 -24.17 -5.99 -20.32
C ARG A 27 -23.52 -4.62 -20.31
N ILE A 28 -23.92 -3.77 -21.25
CA ILE A 28 -23.24 -2.53 -21.49
C ILE A 28 -23.81 -1.53 -20.46
N LEU A 29 -22.93 -0.78 -19.78
CA LEU A 29 -23.38 0.35 -18.97
C LEU A 29 -23.15 1.68 -19.70
N ALA A 30 -22.29 1.67 -20.71
CA ALA A 30 -21.95 2.89 -21.43
C ALA A 30 -21.24 2.60 -22.76
N GLU A 31 -21.44 3.50 -23.73
CA GLU A 31 -20.83 3.45 -25.06
C GLU A 31 -20.17 4.80 -25.37
N TYR A 32 -19.04 4.79 -26.06
CA TYR A 32 -18.31 6.02 -26.37
C TYR A 32 -17.62 5.91 -27.74
N PRO A 33 -17.08 7.04 -28.26
CA PRO A 33 -16.32 6.99 -29.51
C PRO A 33 -15.16 6.01 -29.44
N ASP A 34 -14.49 5.96 -28.28
CA ASP A 34 -13.28 5.15 -28.09
C ASP A 34 -13.49 3.76 -27.48
N GLY A 35 -14.69 3.48 -26.97
CA GLY A 35 -15.02 2.12 -26.53
C GLY A 35 -16.27 2.00 -25.70
N ARG A 36 -16.39 0.88 -24.98
CA ARG A 36 -17.54 0.57 -24.13
C ARG A 36 -17.08 0.24 -22.72
N ILE A 37 -17.96 0.45 -21.75
CA ILE A 37 -17.78 -0.08 -20.42
C ILE A 37 -18.82 -1.16 -20.19
N ILE A 38 -18.36 -2.38 -20.02
CA ILE A 38 -19.19 -3.49 -19.61
C ILE A 38 -18.90 -3.79 -18.14
N MET A 39 -19.91 -4.36 -17.47
CA MET A 39 -19.79 -4.88 -16.12
C MET A 39 -19.83 -6.39 -16.15
N VAL A 40 -19.20 -7.02 -15.15
CA VAL A 40 -19.26 -8.46 -14.96
C VAL A 40 -19.56 -8.76 -13.49
N LEU A 41 -20.42 -9.75 -13.24
CA LEU A 41 -20.86 -10.08 -11.89
C LEU A 41 -20.50 -11.53 -11.63
N PRO A 42 -20.55 -11.96 -10.36
CA PRO A 42 -20.15 -13.34 -10.04
C PRO A 42 -21.03 -14.40 -10.71
N GLU A 43 -22.31 -14.07 -10.88
CA GLU A 43 -23.32 -14.99 -11.42
C GLU A 43 -23.16 -15.23 -12.92
N ASP A 44 -22.29 -14.46 -13.57
CA ASP A 44 -22.06 -14.57 -15.01
C ASP A 44 -21.37 -15.90 -15.41
N PRO A 45 -21.42 -16.24 -16.72
CA PRO A 45 -20.82 -17.49 -17.19
C PRO A 45 -19.35 -17.67 -16.79
N LYS A 46 -18.88 -18.91 -16.79
CA LYS A 46 -17.49 -19.19 -16.41
C LYS A 46 -16.52 -18.47 -17.33
N TYR A 47 -16.91 -18.30 -18.59
CA TYR A 47 -16.08 -17.61 -19.56
C TYR A 47 -15.71 -16.19 -19.07
N ALA A 48 -16.69 -15.49 -18.52
CA ALA A 48 -16.45 -14.15 -17.96
C ALA A 48 -15.57 -14.20 -16.70
N LEU A 49 -15.82 -15.17 -15.83
CA LEU A 49 -15.10 -15.23 -14.57
C LEU A 49 -13.61 -15.52 -14.76
N LYS A 50 -13.29 -16.31 -15.76
CA LYS A 50 -11.89 -16.62 -16.06
C LYS A 50 -11.15 -15.41 -16.62
N LYS A 51 -11.87 -14.59 -17.39
CA LYS A 51 -11.26 -13.42 -18.02
C LYS A 51 -10.98 -12.34 -16.97
N VAL A 52 -11.93 -12.11 -16.07
CA VAL A 52 -11.67 -11.19 -14.97
C VAL A 52 -10.44 -11.68 -14.22
N ASP A 53 -10.38 -12.98 -13.95
CA ASP A 53 -9.20 -13.58 -13.33
C ASP A 53 -7.90 -13.17 -14.01
N GLU A 54 -7.79 -13.46 -15.31
CA GLU A 54 -6.54 -13.19 -16.03
C GLU A 54 -6.25 -11.71 -16.01
N ILE A 55 -7.29 -10.91 -16.21
CA ILE A 55 -7.17 -9.47 -16.17
C ILE A 55 -6.70 -9.05 -14.78
N ARG A 56 -7.27 -9.68 -13.75
CA ARG A 56 -6.84 -9.42 -12.38
C ARG A 56 -5.34 -9.69 -12.27
N GLU A 57 -4.93 -10.89 -12.67
CA GLU A 57 -3.52 -11.31 -12.62
C GLU A 57 -2.64 -10.33 -13.37
N MET A 58 -3.09 -9.98 -14.56
CA MET A 58 -2.38 -9.06 -15.42
C MET A 58 -2.23 -7.69 -14.73
N VAL A 59 -3.30 -7.24 -14.10
CA VAL A 59 -3.28 -5.95 -13.41
C VAL A 59 -2.41 -5.99 -12.16
N ASP A 60 -2.51 -7.08 -11.39
CA ASP A 60 -1.62 -7.29 -10.23
C ASP A 60 -0.13 -7.05 -10.53
N ASN A 61 0.27 -7.07 -11.80
CA ASN A 61 1.58 -6.55 -12.22
C ASN A 61 1.54 -5.03 -12.42
N ASP A 62 2.02 -4.31 -11.41
CA ASP A 62 2.18 -2.86 -11.48
C ASP A 62 3.23 -2.40 -10.46
N TYR A 73 -13.72 -11.63 -5.22
CA TYR A 73 -14.62 -12.77 -5.17
C TYR A 73 -16.03 -12.36 -4.72
N SER A 74 -16.34 -12.53 -3.43
CA SER A 74 -17.71 -12.44 -2.91
C SER A 74 -18.34 -11.06 -3.09
N ARG A 75 -19.55 -11.03 -3.65
CA ARG A 75 -20.22 -9.77 -3.95
C ARG A 75 -19.22 -8.67 -4.32
N THR A 76 -18.36 -8.95 -5.30
CA THR A 76 -17.62 -7.92 -5.99
C THR A 76 -18.29 -7.65 -7.32
N LYS A 77 -18.10 -6.45 -7.84
CA LYS A 77 -18.47 -6.17 -9.20
C LYS A 77 -17.26 -5.67 -9.91
N THR A 78 -17.13 -6.05 -11.17
CA THR A 78 -15.95 -5.72 -11.95
C THR A 78 -16.37 -4.92 -13.17
N LEU A 79 -15.75 -3.75 -13.36
CA LEU A 79 -16.01 -2.95 -14.55
C LEU A 79 -14.84 -3.05 -15.51
N LEU A 80 -15.15 -3.02 -16.80
CA LEU A 80 -14.14 -3.20 -17.84
C LEU A 80 -14.39 -2.21 -18.98
N PHE A 81 -13.35 -1.45 -19.35
CA PHE A 81 -13.41 -0.60 -20.52
C PHE A 81 -12.77 -1.33 -21.69
N ILE A 82 -13.58 -1.55 -22.73
CA ILE A 82 -13.18 -2.35 -23.89
C ILE A 82 -13.06 -1.43 -25.09
N SER A 83 -11.86 -1.32 -25.64
CA SER A 83 -11.67 -0.54 -26.83
C SER A 83 -12.49 -1.16 -28.01
N ASN A 84 -12.60 -0.40 -29.09
CA ASN A 84 -13.36 -0.83 -30.25
C ASN A 84 -12.70 -2.05 -30.87
N ASP A 85 -11.37 -2.06 -30.77
CA ASP A 85 -10.49 -3.22 -30.96
C ASP A 85 -10.89 -4.53 -30.23
N LYS A 86 -11.71 -4.43 -29.19
CA LYS A 86 -11.99 -5.53 -28.23
C LYS A 86 -10.94 -5.72 -27.14
N LYS A 87 -9.91 -4.89 -27.10
CA LYS A 87 -8.85 -5.06 -26.13
C LYS A 87 -9.31 -4.50 -24.78
N VAL A 88 -9.06 -5.23 -23.70
CA VAL A 88 -9.37 -4.77 -22.35
C VAL A 88 -8.37 -3.71 -21.96
N VAL A 89 -8.86 -2.53 -21.67
CA VAL A 89 -8.00 -1.37 -21.53
C VAL A 89 -8.28 -0.65 -20.21
N GLY A 90 -9.29 -1.13 -19.49
CA GLY A 90 -9.67 -0.60 -18.18
C GLY A 90 -10.24 -1.70 -17.32
N CYS A 91 -10.00 -1.61 -16.02
CA CYS A 91 -10.56 -2.57 -15.05
C CYS A 91 -10.72 -1.88 -13.68
N LEU A 92 -11.88 -2.09 -13.05
CA LEU A 92 -12.18 -1.55 -11.74
C LEU A 92 -12.91 -2.63 -10.96
N ILE A 93 -12.36 -3.10 -9.86
CA ILE A 93 -13.05 -4.11 -9.06
C ILE A 93 -13.52 -3.47 -7.77
N ALA A 94 -14.80 -3.69 -7.44
CA ALA A 94 -15.45 -2.99 -6.32
C ALA A 94 -16.12 -3.94 -5.33
N GLU A 95 -16.08 -3.58 -4.05
CA GLU A 95 -16.56 -4.44 -3.00
C GLU A 95 -17.36 -3.65 -1.97
N HIS A 96 -18.02 -4.36 -1.08
CA HIS A 96 -18.79 -3.74 -0.05
C HIS A 96 -17.85 -3.39 1.06
N ILE A 97 -18.05 -2.18 1.60
CA ILE A 97 -17.35 -1.76 2.81
C ILE A 97 -18.30 -0.93 3.67
N GLN A 98 -17.92 -0.75 4.92
CA GLN A 98 -18.64 0.12 5.85
C GLN A 98 -17.84 1.38 6.23
N TRP A 99 -16.51 1.33 6.18
CA TRP A 99 -15.67 2.40 6.71
C TRP A 99 -14.53 2.77 5.79
N GLY A 100 -14.15 4.03 5.81
CA GLY A 100 -12.94 4.46 5.11
C GLY A 100 -12.27 5.54 5.93
N TYR A 101 -11.03 5.88 5.56
CA TYR A 101 -10.28 6.92 6.26
C TYR A 101 -9.94 8.05 5.29
N ARG A 102 -10.14 9.28 5.73
CA ARG A 102 -9.94 10.39 4.84
C ARG A 102 -8.45 10.68 4.62
N VAL A 103 -8.05 10.88 3.37
CA VAL A 103 -6.72 11.37 3.07
C VAL A 103 -6.87 12.82 2.67
N ILE A 104 -5.99 13.66 3.20
CA ILE A 104 -6.13 15.10 3.09
C ILE A 104 -4.83 15.71 2.54
N GLU A 105 -4.93 16.43 1.43
CA GLU A 105 -3.80 17.21 0.92
C GLU A 105 -3.50 18.39 1.81
N GLU A 106 -2.26 18.46 2.29
CA GLU A 106 -1.80 19.61 3.05
C GLU A 106 -0.63 20.18 2.31
N LYS A 107 -0.46 21.48 2.37
CA LYS A 107 0.75 22.09 1.84
C LYS A 107 1.47 22.80 2.98
N LEU A 108 2.64 22.28 3.32
CA LEU A 108 3.40 22.70 4.49
C LEU A 108 4.28 23.90 4.18
N PRO A 109 4.22 24.95 5.02
CA PRO A 109 5.18 26.06 4.97
C PRO A 109 6.61 25.62 5.23
N VAL A 110 7.54 26.11 4.41
CA VAL A 110 8.97 25.91 4.66
C VAL A 110 9.55 27.19 5.23
N ILE A 111 9.89 27.15 6.50
CA ILE A 111 10.42 28.29 7.21
C ILE A 111 11.92 28.10 7.26
N ARG A 112 12.67 29.19 7.14
CA ARG A 112 14.12 29.09 7.15
C ARG A 112 14.70 29.89 8.29
N SER A 113 16.01 29.80 8.43
CA SER A 113 16.71 30.48 9.51
C SER A 113 16.56 31.97 9.29
N GLU A 114 16.71 32.73 10.36
CA GLU A 114 16.47 34.16 10.31
C GLU A 114 17.51 34.90 9.45
N GLU A 115 18.66 34.28 9.23
CA GLU A 115 19.70 34.87 8.37
C GLU A 115 19.43 34.57 6.90
N GLU A 116 18.51 33.66 6.61
CA GLU A 116 18.18 33.33 5.23
C GLU A 116 17.00 34.17 4.72
N LYS A 117 16.77 34.14 3.42
CA LYS A 117 15.62 34.82 2.83
C LYS A 117 14.41 33.91 2.92
N VAL A 118 13.23 34.53 2.91
CA VAL A 118 11.96 33.82 3.05
C VAL A 118 11.45 33.41 1.68
N ARG A 119 11.01 32.16 1.54
CA ARG A 119 10.33 31.71 0.33
C ARG A 119 8.96 31.16 0.67
N PHE A 120 8.01 31.33 -0.24
CA PHE A 120 6.65 30.89 0.00
C PHE A 120 6.36 29.57 -0.68
N GLU A 121 7.37 28.89 -1.19
CA GLU A 121 7.18 27.52 -1.68
C GLU A 121 6.67 26.68 -0.52
N ARG A 122 5.54 26.00 -0.71
CA ARG A 122 5.09 25.00 0.26
C ARG A 122 5.46 23.60 -0.23
N GLN A 123 5.63 22.68 0.70
CA GLN A 123 5.84 21.28 0.41
C GLN A 123 4.55 20.51 0.64
N LYS A 124 4.11 19.78 -0.36
CA LYS A 124 2.95 18.92 -0.26
C LYS A 124 3.16 17.79 0.76
N ALA A 125 2.10 17.48 1.50
CA ALA A 125 2.04 16.26 2.31
C ALA A 125 0.65 15.64 2.20
N TRP A 126 0.56 14.33 2.41
CA TRP A 126 -0.73 13.66 2.36
C TRP A 126 -1.01 13.01 3.70
N CYS A 127 -2.07 13.45 4.35
CA CYS A 127 -2.40 13.07 5.71
C CYS A 127 -3.63 12.16 5.82
N CYS A 128 -3.41 10.92 6.19
CA CYS A 128 -4.48 9.99 6.46
C CYS A 128 -4.99 10.08 7.90
N SER A 129 -6.23 10.56 8.05
CA SER A 129 -6.94 10.58 9.33
C SER A 129 -7.09 9.18 9.91
N THR A 130 -6.96 9.08 11.22
CA THR A 130 -7.15 7.82 11.92
C THR A 130 -8.60 7.53 12.23
N LEU A 131 -9.50 8.48 11.95
CA LEU A 131 -10.93 8.32 12.26
C LEU A 131 -11.62 7.54 11.15
N PRO A 132 -12.26 6.42 11.49
CA PRO A 132 -13.07 5.76 10.46
C PRO A 132 -14.32 6.56 10.21
N GLU A 133 -14.49 7.06 8.98
CA GLU A 133 -15.73 7.65 8.55
C GLU A 133 -16.54 6.64 7.68
N PRO A 134 -17.88 6.78 7.63
CA PRO A 134 -18.79 5.87 6.91
C PRO A 134 -18.58 5.83 5.42
N ALA A 135 -18.67 4.64 4.84
CA ALA A 135 -18.54 4.45 3.38
C ALA A 135 -19.28 3.21 2.87
N ILE A 136 -19.53 3.16 1.56
CA ILE A 136 -20.33 2.10 0.93
C ILE A 136 -19.49 1.22 0.01
N CYS A 137 -18.73 1.85 -0.87
CA CYS A 137 -18.14 1.19 -2.03
C CYS A 137 -16.63 1.31 -2.01
N GLY A 138 -15.94 0.17 -1.91
CA GLY A 138 -14.49 0.14 -1.88
C GLY A 138 -13.96 -0.25 -3.23
N ILE A 139 -13.20 0.64 -3.86
CA ILE A 139 -12.53 0.35 -5.11
C ILE A 139 -11.28 -0.48 -4.80
N SER A 140 -11.42 -1.78 -4.90
CA SER A 140 -10.34 -2.71 -4.60
C SER A 140 -9.21 -2.68 -5.65
N ARG A 141 -9.61 -2.59 -6.91
CA ARG A 141 -8.65 -2.46 -8.00
C ARG A 141 -9.18 -1.44 -8.98
N ILE A 142 -8.28 -0.67 -9.55
CA ILE A 142 -8.61 0.19 -10.65
C ILE A 142 -7.34 0.37 -11.48
N TRP A 143 -7.37 -0.10 -12.73
CA TRP A 143 -6.23 -0.04 -13.63
C TRP A 143 -6.65 0.42 -15.03
N VAL A 144 -5.72 1.10 -15.69
CA VAL A 144 -5.86 1.48 -17.07
C VAL A 144 -4.52 1.27 -17.77
N PHE A 145 -4.57 0.67 -18.95
CA PHE A 145 -3.38 0.43 -19.76
C PHE A 145 -2.54 1.69 -19.91
N SER A 146 -1.26 1.58 -19.56
CA SER A 146 -0.32 2.71 -19.53
C SER A 146 -0.49 3.74 -20.66
N MET A 147 -0.61 3.27 -21.90
CA MET A 147 -0.58 4.20 -23.03
C MET A 147 -1.94 4.81 -23.41
N MET A 148 -3.02 4.35 -22.76
CA MET A 148 -4.34 4.99 -22.89
C MET A 148 -4.76 5.76 -21.64
N ARG A 149 -3.79 6.30 -20.90
CA ARG A 149 -4.05 7.08 -19.69
C ARG A 149 -4.25 8.53 -20.02
N ARG A 150 -4.75 9.29 -19.05
CA ARG A 150 -5.14 10.68 -19.24
C ARG A 150 -6.10 10.87 -20.43
N LYS A 151 -6.94 9.86 -20.68
CA LYS A 151 -8.05 9.95 -21.65
C LYS A 151 -9.42 9.75 -21.00
N LYS A 152 -9.52 9.96 -19.69
CA LYS A 152 -10.82 9.88 -18.98
C LYS A 152 -11.46 8.48 -18.84
N ILE A 153 -10.70 7.42 -19.01
CA ILE A 153 -11.22 6.05 -18.88
C ILE A 153 -11.56 5.71 -17.43
N ALA A 154 -10.65 6.02 -16.53
CA ALA A 154 -10.83 5.72 -15.12
C ALA A 154 -12.00 6.54 -14.56
N SER A 155 -12.08 7.80 -14.97
CA SER A 155 -13.17 8.67 -14.55
C SER A 155 -14.51 8.08 -14.97
N ARG A 156 -14.63 7.65 -16.21
CA ARG A 156 -15.89 7.14 -16.75
C ARG A 156 -16.28 5.84 -16.08
N MET A 157 -15.27 5.03 -15.72
CA MET A 157 -15.53 3.78 -15.02
C MET A 157 -16.15 4.09 -13.67
N ILE A 158 -15.60 5.07 -12.94
CA ILE A 158 -16.14 5.38 -11.60
C ILE A 158 -17.55 5.93 -11.75
N GLU A 159 -17.68 6.87 -12.69
CA GLU A 159 -18.96 7.45 -13.08
C GLU A 159 -20.02 6.37 -13.29
N CYS A 160 -19.64 5.25 -13.90
CA CYS A 160 -20.54 4.10 -14.06
C CYS A 160 -20.69 3.30 -12.76
N LEU A 161 -19.57 3.08 -12.07
CA LEU A 161 -19.62 2.47 -10.73
C LEU A 161 -20.62 3.21 -9.86
N ARG A 162 -20.64 4.54 -9.94
CA ARG A 162 -21.54 5.34 -9.13
C ARG A 162 -23.01 5.15 -9.48
N SER A 163 -23.34 5.21 -10.78
CA SER A 163 -24.71 4.94 -11.26
C SER A 163 -25.14 3.49 -11.11
N ASN A 164 -24.20 2.56 -10.93
CA ASN A 164 -24.47 1.10 -11.00
C ASN A 164 -24.06 0.21 -9.83
N PHE A 165 -23.39 0.73 -8.80
CA PHE A 165 -23.06 -0.12 -7.65
C PHE A 165 -24.33 -0.55 -6.92
N ILE A 166 -25.26 0.39 -6.81
CA ILE A 166 -26.56 0.14 -6.23
C ILE A 166 -27.57 0.49 -7.31
N TYR A 167 -28.38 -0.47 -7.71
CA TYR A 167 -29.44 -0.25 -8.69
C TYR A 167 -30.39 0.87 -8.22
N GLY A 168 -30.46 1.95 -9.00
CA GLY A 168 -31.42 3.05 -8.77
C GLY A 168 -30.83 4.21 -7.95
N SER A 169 -29.56 4.09 -7.59
CA SER A 169 -28.88 5.11 -6.79
C SER A 169 -27.74 5.70 -7.57
N TYR A 170 -27.39 6.92 -7.21
CA TYR A 170 -26.20 7.55 -7.72
C TYR A 170 -25.35 7.86 -6.49
N LEU A 171 -24.32 7.04 -6.29
CA LEU A 171 -23.41 7.18 -5.16
C LEU A 171 -22.77 8.54 -5.18
N SER A 172 -22.58 9.15 -4.02
CA SER A 172 -21.76 10.35 -3.94
C SER A 172 -20.28 9.99 -4.02
N LYS A 173 -19.46 10.99 -4.34
CA LYS A 173 -18.01 10.85 -4.35
C LYS A 173 -17.49 10.42 -3.00
N GLU A 174 -18.22 10.71 -1.94
CA GLU A 174 -17.74 10.40 -0.58
C GLU A 174 -18.11 9.01 -0.09
N GLU A 175 -18.98 8.32 -0.81
CA GLU A 175 -19.39 6.97 -0.42
C GLU A 175 -18.44 5.91 -0.96
N ILE A 176 -17.47 6.35 -1.74
CA ILE A 176 -16.47 5.48 -2.32
C ILE A 176 -15.13 5.73 -1.66
N ALA A 177 -14.42 4.64 -1.39
CA ALA A 177 -13.05 4.71 -0.86
C ALA A 177 -12.13 3.89 -1.75
N PHE A 178 -10.86 4.28 -1.81
CA PHE A 178 -9.92 3.54 -2.63
C PHE A 178 -9.00 2.72 -1.76
N SER A 179 -8.96 1.42 -2.00
CA SER A 179 -8.01 0.55 -1.32
C SER A 179 -6.56 0.84 -1.72
N ASP A 180 -5.71 1.00 -0.69
CA ASP A 180 -4.25 1.11 -0.81
C ASP A 180 -3.76 1.97 -1.96
N PRO A 181 -4.04 3.28 -1.90
CA PRO A 181 -3.72 4.09 -3.05
C PRO A 181 -2.24 4.04 -3.42
N THR A 182 -1.96 3.78 -4.70
CA THR A 182 -0.66 4.05 -5.30
C THR A 182 -0.57 5.58 -5.54
N PRO A 183 0.59 6.08 -5.98
CA PRO A 183 0.68 7.52 -6.28
C PRO A 183 -0.21 7.97 -7.44
N ASP A 184 -0.34 7.10 -8.45
CA ASP A 184 -1.28 7.35 -9.56
C ASP A 184 -2.68 7.46 -9.00
N GLY A 185 -3.06 6.51 -8.16
CA GLY A 185 -4.39 6.50 -7.58
C GLY A 185 -4.64 7.77 -6.80
N LYS A 186 -3.67 8.14 -5.98
CA LYS A 186 -3.75 9.38 -5.21
C LYS A 186 -4.04 10.56 -6.13
N LEU A 187 -3.20 10.74 -7.15
CA LEU A 187 -3.35 11.90 -8.04
C LEU A 187 -4.68 11.86 -8.81
N PHE A 188 -5.12 10.66 -9.20
CA PHE A 188 -6.44 10.50 -9.78
C PHE A 188 -7.60 10.82 -8.81
N ALA A 189 -7.59 10.17 -7.67
CA ALA A 189 -8.64 10.30 -6.63
C ALA A 189 -8.87 11.75 -6.19
N THR A 190 -7.77 12.46 -6.00
CA THR A 190 -7.81 13.84 -5.53
C THR A 190 -8.49 14.77 -6.50
N GLN A 191 -8.15 14.59 -7.77
CA GLN A 191 -8.70 15.37 -8.86
C GLN A 191 -10.12 14.92 -9.12
N TYR A 192 -10.35 13.63 -9.16
CA TYR A 192 -11.72 13.14 -9.31
C TYR A 192 -12.67 13.70 -8.23
N CYS A 193 -12.30 13.60 -6.95
CA CYS A 193 -13.21 14.05 -5.88
C CYS A 193 -13.25 15.56 -5.61
N GLY A 194 -12.34 16.33 -6.20
CA GLY A 194 -12.15 17.73 -5.81
C GLY A 194 -11.72 17.88 -4.35
N THR A 195 -11.46 19.13 -3.96
CA THR A 195 -11.18 19.48 -2.57
C THR A 195 -9.99 18.76 -1.92
N GLY A 196 -9.11 18.17 -2.71
CA GLY A 196 -7.91 17.55 -2.13
C GLY A 196 -8.13 16.49 -1.07
N GLN A 197 -9.21 15.74 -1.19
CA GLN A 197 -9.59 14.74 -0.22
C GLN A 197 -10.15 13.52 -0.92
N PHE A 198 -9.96 12.36 -0.31
CA PHE A 198 -10.62 11.14 -0.72
C PHE A 198 -10.46 10.11 0.40
N LEU A 199 -11.36 9.14 0.41
CA LEU A 199 -11.37 8.09 1.39
C LEU A 199 -10.54 6.92 0.91
N VAL A 200 -9.91 6.23 1.86
CA VAL A 200 -9.15 5.04 1.55
C VAL A 200 -9.42 3.95 2.57
N TYR A 201 -9.01 2.74 2.22
CA TYR A 201 -9.02 1.60 3.15
C TYR A 201 -7.90 0.65 2.71
N ASN A 202 -7.62 -0.39 3.50
CA ASN A 202 -6.40 -1.23 3.34
C ASN A 202 -5.17 -0.36 3.35
N PHE A 203 -5.14 0.61 4.25
CA PHE A 203 -4.07 1.57 4.24
C PHE A 203 -3.48 1.63 5.65
N ILE A 204 -2.87 2.75 5.99
CA ILE A 204 -1.97 2.84 7.14
C ILE A 204 -2.66 2.89 8.51
N ASN A 205 -3.94 3.27 8.53
CA ASN A 205 -4.76 3.23 9.73
C ASN A 205 -5.78 2.11 9.73
N GLY A 206 -5.84 1.30 8.67
CA GLY A 206 -6.78 0.17 8.60
C GLY A 206 -7.31 -0.15 7.20
N LEU B 18 3.77 -23.37 8.65
CA LEU B 18 4.52 -23.59 9.92
C LEU B 18 5.90 -24.21 9.65
N TYR B 19 6.83 -23.36 9.21
CA TYR B 19 8.12 -23.80 8.66
C TYR B 19 9.25 -23.87 9.70
N PHE B 20 10.12 -24.87 9.55
CA PHE B 20 11.29 -25.06 10.42
C PHE B 20 12.59 -24.99 9.61
N GLN B 21 13.58 -24.27 10.12
CA GLN B 21 14.90 -24.21 9.50
C GLN B 21 15.86 -25.09 10.29
N SER B 22 16.67 -25.89 9.59
CA SER B 22 17.59 -26.83 10.23
C SER B 22 19.01 -26.26 10.30
N MET B 23 19.64 -26.39 11.47
CA MET B 23 21.01 -25.92 11.67
C MET B 23 21.96 -26.67 10.74
N LYS B 24 22.82 -25.93 10.03
CA LYS B 24 23.63 -26.48 8.94
C LYS B 24 25.09 -26.05 9.04
N LYS B 25 25.33 -24.78 8.72
CA LYS B 25 26.61 -24.10 8.86
C LYS B 25 26.32 -22.64 8.48
N GLU B 26 25.12 -22.18 8.84
CA GLU B 26 24.52 -21.00 8.26
C GLU B 26 25.29 -19.75 8.63
N ARG B 27 24.90 -18.64 8.02
CA ARG B 27 25.46 -17.34 8.34
C ARG B 27 24.66 -16.80 9.53
N ILE B 28 25.20 -16.99 10.73
CA ILE B 28 24.52 -16.63 11.97
C ILE B 28 24.96 -15.26 12.44
N LEU B 29 24.00 -14.35 12.62
CA LEU B 29 24.31 -12.94 12.95
C LEU B 29 24.19 -12.65 14.46
N ALA B 30 23.34 -13.40 15.17
CA ALA B 30 23.28 -13.28 16.62
C ALA B 30 22.57 -14.46 17.24
N GLU B 31 22.92 -14.73 18.50
CA GLU B 31 22.30 -15.76 19.31
C GLU B 31 21.68 -15.11 20.53
N TYR B 32 20.53 -15.66 20.94
CA TYR B 32 19.74 -15.12 22.03
C TYR B 32 19.18 -16.27 22.87
N PRO B 33 18.72 -15.97 24.12
CA PRO B 33 18.08 -16.99 24.92
C PRO B 33 16.85 -17.63 24.25
N ASP B 34 16.18 -16.87 23.39
CA ASP B 34 14.96 -17.34 22.78
C ASP B 34 15.12 -17.78 21.32
N GLY B 35 16.35 -17.69 20.79
CA GLY B 35 16.63 -18.20 19.44
C GLY B 35 17.77 -17.47 18.77
N ARG B 36 17.81 -17.53 17.44
CA ARG B 36 18.87 -16.87 16.68
C ARG B 36 18.39 -16.22 15.39
N ILE B 37 19.22 -15.32 14.87
CA ILE B 37 19.02 -14.68 13.57
C ILE B 37 20.13 -15.10 12.59
N ILE B 38 19.72 -15.70 11.48
CA ILE B 38 20.61 -16.02 10.35
C ILE B 38 20.30 -15.14 9.13
N MET B 39 21.18 -15.17 8.13
CA MET B 39 21.03 -14.39 6.89
C MET B 39 21.15 -15.25 5.63
N VAL B 40 20.29 -14.99 4.65
CA VAL B 40 20.33 -15.68 3.37
C VAL B 40 20.57 -14.69 2.20
N LEU B 41 21.61 -14.97 1.42
CA LEU B 41 22.08 -14.10 0.35
C LEU B 41 21.67 -14.68 -1.00
N PRO B 42 21.64 -13.85 -2.06
CA PRO B 42 21.11 -14.32 -3.36
C PRO B 42 21.78 -15.59 -3.92
N GLU B 43 23.08 -15.75 -3.67
CA GLU B 43 23.87 -16.84 -4.26
C GLU B 43 24.08 -18.06 -3.34
N ASP B 44 23.35 -18.11 -2.23
CA ASP B 44 23.44 -19.23 -1.27
C ASP B 44 23.06 -20.60 -1.86
N PRO B 45 23.25 -21.68 -1.08
CA PRO B 45 22.80 -23.01 -1.51
C PRO B 45 21.31 -23.07 -1.89
N LYS B 46 20.95 -24.04 -2.72
CA LYS B 46 19.58 -24.18 -3.24
C LYS B 46 18.53 -24.51 -2.17
N TYR B 47 18.95 -25.14 -1.08
CA TYR B 47 18.08 -25.39 0.06
C TYR B 47 17.60 -24.07 0.65
N ALA B 48 18.56 -23.20 0.97
CA ALA B 48 18.29 -21.91 1.60
C ALA B 48 17.26 -21.09 0.85
N LEU B 49 17.45 -20.98 -0.46
CA LEU B 49 16.61 -20.13 -1.32
C LEU B 49 15.22 -20.71 -1.57
N LYS B 50 15.09 -22.03 -1.50
CA LYS B 50 13.79 -22.72 -1.53
C LYS B 50 13.02 -22.45 -0.24
N LYS B 51 13.74 -22.46 0.88
CA LYS B 51 13.13 -22.22 2.19
C LYS B 51 12.68 -20.77 2.31
N VAL B 52 13.53 -19.84 1.88
CA VAL B 52 13.20 -18.42 1.91
C VAL B 52 11.95 -18.13 1.07
N ASP B 53 11.86 -18.74 -0.11
CA ASP B 53 10.67 -18.58 -0.96
C ASP B 53 9.37 -19.07 -0.29
N GLU B 54 9.42 -20.20 0.42
CA GLU B 54 8.23 -20.69 1.12
C GLU B 54 7.90 -19.83 2.33
N ILE B 55 8.91 -19.21 2.93
CA ILE B 55 8.65 -18.24 4.00
C ILE B 55 8.06 -16.97 3.40
N ARG B 56 8.50 -16.60 2.21
CA ARG B 56 7.94 -15.45 1.46
C ARG B 56 6.44 -15.57 1.23
N GLU B 57 5.97 -16.74 0.81
CA GLU B 57 4.56 -16.92 0.48
C GLU B 57 3.68 -16.74 1.71
N MET B 58 3.95 -17.52 2.74
CA MET B 58 3.13 -17.48 3.95
C MET B 58 3.19 -16.11 4.60
N VAL B 59 4.35 -15.45 4.58
CA VAL B 59 4.46 -14.08 5.09
C VAL B 59 3.38 -13.26 4.39
N ASP B 60 3.39 -13.32 3.06
CA ASP B 60 2.48 -12.53 2.24
C ASP B 60 0.98 -12.92 2.34
N ASN B 61 0.66 -13.93 3.16
CA ASN B 61 -0.73 -14.15 3.63
C ASN B 61 -1.04 -13.29 4.85
N SER B 74 18.06 -11.09 -4.88
CA SER B 74 18.92 -10.66 -5.99
C SER B 74 19.82 -9.48 -5.59
N ARG B 75 19.17 -8.36 -5.24
CA ARG B 75 19.85 -7.22 -4.63
C ARG B 75 19.43 -7.13 -3.17
N THR B 76 18.98 -8.26 -2.62
CA THR B 76 18.33 -8.32 -1.29
C THR B 76 19.14 -9.12 -0.28
N LYS B 77 18.74 -9.00 0.98
CA LYS B 77 19.21 -9.86 2.05
C LYS B 77 17.99 -10.31 2.84
N THR B 78 17.97 -11.57 3.27
CA THR B 78 16.84 -12.10 4.03
C THR B 78 17.35 -12.46 5.41
N LEU B 79 16.69 -11.95 6.44
CA LEU B 79 17.03 -12.33 7.80
C LEU B 79 15.89 -13.17 8.39
N LEU B 80 16.28 -14.29 8.99
CA LEU B 80 15.34 -15.19 9.59
C LEU B 80 15.60 -15.22 11.08
N PHE B 81 14.54 -15.12 11.88
CA PHE B 81 14.62 -15.42 13.32
C PHE B 81 14.10 -16.83 13.57
N ILE B 82 15.01 -17.68 14.00
CA ILE B 82 14.69 -19.08 14.31
C ILE B 82 14.77 -19.32 15.82
N SER B 83 13.68 -19.80 16.38
CA SER B 83 13.59 -20.14 17.81
C SER B 83 14.27 -21.47 18.12
N ASN B 84 14.46 -21.72 19.42
CA ASN B 84 15.08 -22.98 19.85
C ASN B 84 14.23 -24.15 19.38
N ASP B 85 12.93 -23.94 19.34
CA ASP B 85 11.98 -24.92 18.80
C ASP B 85 12.29 -25.31 17.34
N LYS B 86 13.32 -24.69 16.75
CA LYS B 86 13.68 -24.83 15.32
C LYS B 86 12.74 -24.09 14.33
N LYS B 87 11.76 -23.33 14.84
CA LYS B 87 10.73 -22.70 14.00
C LYS B 87 11.18 -21.37 13.41
N VAL B 88 10.69 -21.04 12.21
CA VAL B 88 10.92 -19.72 11.61
C VAL B 88 9.91 -18.72 12.17
N VAL B 89 10.43 -17.79 12.96
CA VAL B 89 9.60 -16.97 13.84
C VAL B 89 9.51 -15.52 13.39
N GLY B 90 10.55 -15.06 12.70
CA GLY B 90 10.49 -13.78 12.02
C GLY B 90 11.25 -13.75 10.70
N CYS B 91 10.82 -12.87 9.81
CA CYS B 91 11.47 -12.70 8.51
C CYS B 91 11.69 -11.22 8.23
N LEU B 92 12.92 -10.87 7.84
CA LEU B 92 13.21 -9.50 7.42
C LEU B 92 13.89 -9.51 6.03
N ILE B 93 13.20 -9.03 5.00
CA ILE B 93 13.78 -8.93 3.65
C ILE B 93 14.16 -7.48 3.38
N ALA B 94 15.46 -7.25 3.19
CA ALA B 94 15.98 -5.91 2.99
C ALA B 94 16.48 -5.74 1.55
N GLU B 95 16.79 -4.49 1.20
CA GLU B 95 16.86 -4.05 -0.18
C GLU B 95 17.62 -2.73 -0.22
N HIS B 96 18.36 -2.50 -1.30
CA HIS B 96 19.01 -1.20 -1.57
C HIS B 96 18.03 -0.20 -2.17
N ILE B 97 18.17 1.05 -1.77
CA ILE B 97 17.30 2.12 -2.22
C ILE B 97 18.06 3.42 -2.14
N GLN B 98 17.53 4.45 -2.79
CA GLN B 98 18.12 5.78 -2.76
C GLN B 98 17.26 6.80 -2.02
N TRP B 99 15.95 6.58 -2.01
CA TRP B 99 15.02 7.62 -1.56
C TRP B 99 13.97 7.08 -0.59
N GLY B 100 13.66 7.87 0.43
CA GLY B 100 12.51 7.64 1.27
C GLY B 100 11.64 8.88 1.47
N TYR B 101 10.46 8.67 2.03
CA TYR B 101 9.51 9.77 2.32
C TYR B 101 9.11 9.72 3.79
N ARG B 102 9.09 10.87 4.42
CA ARG B 102 8.86 10.96 5.86
C ARG B 102 7.39 10.90 6.22
N VAL B 103 7.11 10.09 7.22
CA VAL B 103 5.78 9.92 7.75
C VAL B 103 5.82 10.42 9.18
N ILE B 104 4.86 11.25 9.54
CA ILE B 104 4.82 11.82 10.85
C ILE B 104 3.38 12.06 11.32
N GLU B 105 3.13 11.79 12.61
CA GLU B 105 1.84 11.99 13.24
C GLU B 105 1.59 13.46 13.54
N GLU B 106 0.38 13.89 13.25
CA GLU B 106 -0.02 15.25 13.46
C GLU B 106 -1.45 15.23 13.99
N LYS B 107 -1.85 16.38 14.53
CA LYS B 107 -3.19 16.61 14.99
C LYS B 107 -3.69 17.74 14.12
N LEU B 108 -4.59 17.42 13.20
CA LEU B 108 -5.04 18.38 12.20
C LEU B 108 -6.22 19.17 12.69
N PRO B 109 -6.14 20.49 12.58
CA PRO B 109 -7.34 21.29 12.82
C PRO B 109 -8.47 20.77 11.93
N VAL B 110 -9.62 20.49 12.54
CA VAL B 110 -10.84 20.15 11.82
C VAL B 110 -12.06 20.79 12.45
N ILE B 111 -13.16 20.78 11.70
CA ILE B 111 -14.46 21.16 12.22
C ILE B 111 -15.26 19.92 12.50
N ARG B 112 -15.84 19.80 13.68
CA ARG B 112 -16.81 18.73 13.93
C ARG B 112 -18.17 19.30 13.80
N SER B 113 -18.95 18.73 12.90
CA SER B 113 -20.30 19.21 12.64
C SER B 113 -21.29 18.15 13.10
N GLU B 114 -22.21 18.55 13.96
CA GLU B 114 -23.24 17.66 14.50
C GLU B 114 -24.60 18.30 14.25
N GLU B 115 -25.23 17.88 13.15
CA GLU B 115 -26.49 18.48 12.66
C GLU B 115 -26.62 19.97 12.97
N GLU B 116 -26.15 20.82 12.05
CA GLU B 116 -26.14 22.30 12.21
C GLU B 116 -25.06 22.80 13.16
N LYS B 117 -24.91 22.16 14.32
CA LYS B 117 -23.97 22.60 15.36
C LYS B 117 -22.51 22.24 15.03
N VAL B 118 -21.61 23.21 15.22
CA VAL B 118 -20.18 23.05 14.84
C VAL B 118 -19.24 23.26 16.02
N ARG B 119 -18.12 22.55 16.01
CA ARG B 119 -17.04 22.84 16.95
C ARG B 119 -15.69 22.57 16.29
N PHE B 120 -14.64 23.18 16.82
CA PHE B 120 -13.31 23.08 16.25
C PHE B 120 -12.55 22.09 17.07
N GLU B 121 -11.84 21.18 16.41
CA GLU B 121 -11.18 20.07 17.09
C GLU B 121 -9.92 19.70 16.34
N ARG B 122 -9.21 18.72 16.84
CA ARG B 122 -8.02 18.22 16.21
C ARG B 122 -8.14 16.71 15.95
N GLN B 123 -7.91 16.30 14.70
CA GLN B 123 -7.97 14.92 14.31
C GLN B 123 -6.55 14.37 14.11
N LYS B 124 -6.23 13.27 14.80
CA LYS B 124 -4.98 12.57 14.59
C LYS B 124 -4.92 12.03 13.16
N ALA B 125 -3.79 12.26 12.52
CA ALA B 125 -3.57 11.75 11.21
C ALA B 125 -2.12 11.52 11.06
N TRP B 126 -1.77 10.66 10.11
CA TRP B 126 -0.40 10.36 9.80
C TRP B 126 -0.11 10.98 8.44
N CYS B 127 0.89 11.85 8.40
CA CYS B 127 1.22 12.65 7.22
C CYS B 127 2.48 12.18 6.49
N CYS B 128 2.33 11.88 5.21
CA CYS B 128 3.50 11.56 4.41
C CYS B 128 3.92 12.73 3.52
N SER B 129 5.11 13.24 3.80
CA SER B 129 5.71 14.29 3.01
C SER B 129 6.06 13.81 1.61
N THR B 130 5.93 14.73 0.65
CA THR B 130 6.28 14.53 -0.76
C THR B 130 7.79 14.66 -1.01
N LEU B 131 8.51 15.29 -0.09
CA LEU B 131 9.94 15.50 -0.22
C LEU B 131 10.69 14.18 -0.19
N PRO B 132 11.39 13.84 -1.29
CA PRO B 132 12.28 12.69 -1.19
C PRO B 132 13.46 13.02 -0.32
N GLU B 133 13.89 12.06 0.47
CA GLU B 133 15.10 12.20 1.26
C GLU B 133 15.96 10.97 1.00
N PRO B 134 17.30 11.11 1.03
CA PRO B 134 18.15 9.97 0.74
C PRO B 134 18.02 8.88 1.77
N ALA B 135 17.89 7.65 1.30
CA ALA B 135 17.88 6.47 2.15
C ALA B 135 18.62 5.37 1.42
N ILE B 136 19.15 4.44 2.18
CA ILE B 136 20.05 3.41 1.69
C ILE B 136 19.38 2.04 1.74
N CYS B 137 18.70 1.76 2.85
CA CYS B 137 18.18 0.43 3.17
C CYS B 137 16.66 0.43 3.26
N GLY B 138 16.06 -0.35 2.36
CA GLY B 138 14.62 -0.52 2.28
C GLY B 138 14.23 -1.84 2.92
N ILE B 139 13.46 -1.75 4.01
CA ILE B 139 12.90 -2.93 4.64
C ILE B 139 11.72 -3.29 3.75
N SER B 140 11.94 -4.24 2.86
CA SER B 140 10.90 -4.61 1.89
C SER B 140 9.83 -5.49 2.51
N ARG B 141 10.25 -6.40 3.39
CA ARG B 141 9.35 -7.08 4.33
C ARG B 141 9.96 -7.14 5.73
N ILE B 142 9.08 -7.17 6.72
CA ILE B 142 9.47 -7.46 8.07
C ILE B 142 8.26 -8.10 8.74
N TRP B 143 8.48 -9.22 9.41
CA TRP B 143 7.41 -10.08 9.87
C TRP B 143 7.88 -10.91 11.05
N VAL B 144 7.07 -10.95 12.09
CA VAL B 144 7.25 -11.89 13.17
C VAL B 144 5.93 -12.67 13.32
N PHE B 145 6.06 -14.00 13.33
CA PHE B 145 4.96 -14.91 13.66
C PHE B 145 4.09 -14.37 14.80
N SER B 146 2.77 -14.45 14.62
CA SER B 146 1.81 -13.76 15.50
C SER B 146 1.96 -14.04 17.00
N MET B 147 2.24 -15.30 17.34
CA MET B 147 2.33 -15.69 18.74
C MET B 147 3.61 -15.21 19.38
N MET B 148 4.55 -14.73 18.59
CA MET B 148 5.84 -14.32 19.13
C MET B 148 6.05 -12.80 19.11
N ARG B 149 4.98 -12.06 18.84
CA ARG B 149 5.08 -10.61 18.75
C ARG B 149 5.27 -9.97 20.09
N ARG B 150 5.66 -8.71 20.10
CA ARG B 150 5.91 -7.96 21.34
C ARG B 150 6.95 -8.59 22.27
N LYS B 151 7.90 -9.32 21.71
CA LYS B 151 9.03 -9.87 22.43
C LYS B 151 10.36 -9.34 21.86
N LYS B 152 10.35 -8.12 21.35
CA LYS B 152 11.50 -7.49 20.68
C LYS B 152 12.21 -8.28 19.55
N ILE B 153 11.56 -9.25 18.93
CA ILE B 153 12.16 -9.92 17.76
C ILE B 153 12.35 -9.00 16.52
N ALA B 154 11.39 -8.12 16.23
CA ALA B 154 11.55 -7.24 15.07
C ALA B 154 12.62 -6.20 15.31
N SER B 155 12.64 -5.62 16.51
CA SER B 155 13.72 -4.69 16.89
C SER B 155 15.12 -5.31 16.66
N ARG B 156 15.30 -6.57 17.07
CA ARG B 156 16.59 -7.21 16.97
C ARG B 156 16.96 -7.52 15.53
N MET B 157 15.99 -7.92 14.73
CA MET B 157 16.23 -8.19 13.35
C MET B 157 16.78 -6.92 12.68
N ILE B 158 16.20 -5.77 13.05
CA ILE B 158 16.66 -4.51 12.54
C ILE B 158 18.07 -4.17 13.06
N GLU B 159 18.42 -4.59 14.26
CA GLU B 159 19.80 -4.41 14.77
C GLU B 159 20.81 -5.23 13.98
N CYS B 160 20.50 -6.51 13.77
CA CYS B 160 21.36 -7.36 12.94
C CYS B 160 21.51 -6.73 11.56
N LEU B 161 20.41 -6.20 11.01
CA LEU B 161 20.43 -5.54 9.69
C LEU B 161 21.37 -4.33 9.60
N ARG B 162 21.40 -3.50 10.64
CA ARG B 162 22.14 -2.25 10.61
C ARG B 162 23.65 -2.46 10.54
N SER B 163 24.11 -3.56 11.13
CA SER B 163 25.53 -3.84 11.24
C SER B 163 25.90 -5.00 10.33
N ASN B 164 25.02 -5.30 9.38
CA ASN B 164 25.30 -6.32 8.36
C ASN B 164 24.73 -5.97 6.98
N PHE B 165 24.50 -4.69 6.70
CA PHE B 165 23.98 -4.33 5.41
C PHE B 165 25.11 -3.84 4.50
N ILE B 166 25.85 -2.83 4.95
CA ILE B 166 27.03 -2.31 4.26
C ILE B 166 28.23 -2.70 5.12
N TYR B 167 29.24 -3.30 4.51
CA TYR B 167 30.44 -3.71 5.24
C TYR B 167 31.13 -2.54 5.97
N GLY B 168 31.51 -2.79 7.22
CA GLY B 168 32.27 -1.84 8.01
C GLY B 168 31.51 -0.59 8.36
N SER B 169 30.20 -0.69 8.37
CA SER B 169 29.40 0.49 8.62
C SER B 169 28.16 0.12 9.41
N TYR B 170 27.70 1.04 10.22
CA TYR B 170 26.55 0.82 11.07
C TYR B 170 25.44 1.79 10.66
N LEU B 171 24.33 1.27 10.13
CA LEU B 171 23.25 2.12 9.61
C LEU B 171 22.66 3.00 10.67
N SER B 172 22.37 4.24 10.29
CA SER B 172 21.61 5.17 11.12
C SER B 172 20.12 4.88 10.93
N LYS B 173 19.30 5.21 11.94
CA LYS B 173 17.84 5.03 11.82
C LYS B 173 17.34 5.86 10.66
N GLU B 174 18.03 6.97 10.39
CA GLU B 174 17.66 7.91 9.34
C GLU B 174 17.94 7.38 7.93
N GLU B 175 18.68 6.28 7.84
CA GLU B 175 19.08 5.71 6.55
C GLU B 175 18.23 4.49 6.21
N ILE B 176 17.36 4.11 7.13
CA ILE B 176 16.42 3.00 6.97
C ILE B 176 15.06 3.57 6.59
N ALA B 177 14.40 2.91 5.64
CA ALA B 177 13.03 3.25 5.31
C ALA B 177 12.23 1.97 5.17
N PHE B 178 10.91 2.05 5.39
CA PHE B 178 10.04 0.87 5.38
C PHE B 178 9.09 0.84 4.18
N SER B 179 9.08 -0.29 3.47
CA SER B 179 8.18 -0.47 2.33
C SER B 179 6.71 -0.54 2.75
N ASP B 180 5.85 0.11 1.96
CA ASP B 180 4.38 0.11 2.19
C ASP B 180 3.98 -0.35 3.60
N PRO B 181 4.06 0.56 4.58
CA PRO B 181 3.80 0.10 5.94
C PRO B 181 2.34 -0.28 6.13
N THR B 182 2.12 -1.28 6.99
CA THR B 182 0.81 -1.67 7.46
C THR B 182 0.58 -0.93 8.73
N PRO B 183 -0.62 -1.06 9.31
CA PRO B 183 -0.83 -0.38 10.59
C PRO B 183 0.10 -0.90 11.70
N ASP B 184 0.36 -2.21 11.70
CA ASP B 184 1.31 -2.79 12.64
C ASP B 184 2.68 -2.19 12.46
N GLY B 185 3.17 -2.17 11.22
CA GLY B 185 4.48 -1.63 10.88
C GLY B 185 4.59 -0.16 11.24
N LYS B 186 3.50 0.56 11.11
CA LYS B 186 3.49 1.95 11.50
C LYS B 186 3.69 2.05 13.00
N LEU B 187 2.95 1.26 13.77
CA LEU B 187 3.08 1.35 15.24
C LEU B 187 4.47 0.92 15.72
N PHE B 188 5.05 -0.07 15.06
CA PHE B 188 6.42 -0.48 15.33
C PHE B 188 7.48 0.60 14.99
N ALA B 189 7.42 1.17 13.80
CA ALA B 189 8.45 2.07 13.29
C ALA B 189 8.54 3.36 14.06
N THR B 190 7.40 3.93 14.43
CA THR B 190 7.33 5.14 15.23
C THR B 190 8.09 4.94 16.53
N GLN B 191 7.88 3.80 17.17
CA GLN B 191 8.53 3.52 18.45
C GLN B 191 9.97 3.15 18.21
N TYR B 192 10.23 2.26 17.26
CA TYR B 192 11.59 1.83 16.99
C TYR B 192 12.49 2.97 16.56
N CYS B 193 11.95 3.95 15.85
CA CYS B 193 12.78 5.02 15.31
C CYS B 193 13.06 6.12 16.33
N GLY B 194 12.27 6.17 17.40
CA GLY B 194 12.56 7.04 18.55
C GLY B 194 11.99 8.46 18.49
N THR B 195 11.85 8.99 17.29
CA THR B 195 11.50 10.40 17.09
C THR B 195 10.00 10.66 16.91
N GLY B 196 9.23 9.60 16.71
CA GLY B 196 7.84 9.75 16.29
C GLY B 196 7.70 9.87 14.78
N GLN B 197 8.81 9.66 14.08
CA GLN B 197 8.92 9.87 12.65
C GLN B 197 9.66 8.71 12.05
N PHE B 198 9.41 8.45 10.78
CA PHE B 198 10.12 7.44 10.05
C PHE B 198 9.95 7.60 8.55
N LEU B 199 10.81 6.91 7.81
CA LEU B 199 10.81 6.98 6.37
C LEU B 199 10.17 5.75 5.75
N VAL B 200 9.50 5.96 4.62
CA VAL B 200 8.85 4.89 3.87
C VAL B 200 9.10 5.00 2.37
N TYR B 201 8.70 3.96 1.65
CA TYR B 201 8.69 3.94 0.21
C TYR B 201 7.73 2.82 -0.27
N ASN B 202 7.51 2.76 -1.59
CA ASN B 202 6.40 1.99 -2.16
C ASN B 202 5.12 2.34 -1.45
N PHE B 203 4.94 3.64 -1.23
CA PHE B 203 3.80 4.18 -0.54
C PHE B 203 3.21 5.31 -1.42
N ILE B 204 2.28 6.06 -0.84
CA ILE B 204 1.41 6.96 -1.58
C ILE B 204 2.15 8.08 -2.34
N ASN B 205 3.43 8.29 -2.05
CA ASN B 205 4.25 9.26 -2.79
C ASN B 205 5.41 8.62 -3.52
N GLY B 206 5.48 7.30 -3.53
CA GLY B 206 6.57 6.55 -4.13
C GLY B 206 7.33 5.71 -3.11
#